data_2Q72
#
_entry.id   2Q72
#
_cell.length_a   88.000
_cell.length_b   86.640
_cell.length_c   81.130
_cell.angle_alpha   90.00
_cell.angle_beta   95.76
_cell.angle_gamma   90.00
#
_symmetry.space_group_name_H-M   'C 1 2 1'
#
loop_
_entity.id
_entity.type
_entity.pdbx_description
1 polymer Transporter
2 non-polymer 'octyl beta-D-glucopyranoside'
3 non-polymer 'SODIUM ION'
4 non-polymer LEUCINE
5 non-polymer 3-(5H-DIBENZO[B,F]AZEPIN-5-YL)-N,N-DIMETHYLPROPAN-1-AMINE
6 water water
#
_entity_poly.entity_id   1
_entity_poly.type   'polypeptide(L)'
_entity_poly.pdbx_seq_one_letter_code
;MEVKREHWATRLGLILAMAGNAVGLGNFLRFPVQAAENGGGAFMIPYIIAFLLVGIPLMWIEWAMGRYGGAQGHGTTPAI
FYLLWRNRFAKILGVFGLWIPLVVAIYYVYIESWTLGFAIKFLVGLVPEPPPNATDPDSILRPFKEFLYSYIGVPKGDEP
ILKPSLFAYIVFLITMFINVSILIRGISKGIERFAKIAMPTLFILAVFLVIRVFLLETPNGTAADGLNFLWTPDFEKLKD
PGVWIAAVGQIFFTLSLGFGAIITYASYVRKDQDIVLSGLTAATLNEKAEVILGGSISIPAAVAFFGVANAVAIAKAGAF
NLGFITLPAIFSQTAGGTFLGFLWFFLLFFAGLTSSIAIMQPMIAFLEDELKLSRKHAVLWTAAIVFFSAHLVMFLNKSL
DEMDFWAGTIGVVFFGLTELIIFFWIFGADKAWEEINRGGIIKVPRIYYYVMRYITPAFLAVLLVVWAREYIPKIMEETH
WTVWITRFYIIGLFLFLTFLVFLAERRRNHESAGTLVPR
;
_entity_poly.pdbx_strand_id   A
#
# COMPACT_ATOMS: atom_id res chain seq x y z
N LYS A 4 20.55 19.03 -11.58
CA LYS A 4 19.15 19.44 -11.26
C LYS A 4 18.39 18.39 -10.48
N ARG A 5 17.93 17.37 -11.18
CA ARG A 5 17.15 16.32 -10.54
C ARG A 5 17.37 14.97 -11.22
N GLU A 6 17.36 13.88 -10.44
CA GLU A 6 17.50 12.55 -11.04
C GLU A 6 16.27 12.37 -11.92
N HIS A 7 16.38 11.46 -12.88
CA HIS A 7 15.28 11.16 -13.78
C HIS A 7 15.30 9.67 -14.06
N TRP A 8 14.13 9.08 -14.33
CA TRP A 8 14.07 7.67 -14.65
C TRP A 8 14.84 7.52 -15.96
N ALA A 9 15.69 6.51 -16.04
CA ALA A 9 16.50 6.29 -17.24
C ALA A 9 15.71 5.84 -18.45
N THR A 10 14.84 4.85 -18.27
CA THR A 10 14.05 4.32 -19.37
C THR A 10 12.55 4.31 -19.11
N ARG A 11 11.77 4.14 -20.18
CA ARG A 11 10.32 4.10 -20.08
C ARG A 11 9.93 2.80 -19.38
N LEU A 12 10.60 1.71 -19.74
CA LEU A 12 10.32 0.42 -19.13
C LEU A 12 10.63 0.48 -17.64
N GLY A 13 11.76 1.10 -17.31
CA GLY A 13 12.15 1.22 -15.91
C GLY A 13 11.12 2.01 -15.13
N LEU A 14 10.63 3.10 -15.71
CA LEU A 14 9.63 3.93 -15.07
C LEU A 14 8.36 3.15 -14.82
N ILE A 15 7.89 2.45 -15.86
CA ILE A 15 6.67 1.66 -15.76
C ILE A 15 6.77 0.55 -14.72
N LEU A 16 7.89 -0.18 -14.71
CA LEU A 16 8.04 -1.25 -13.74
C LEU A 16 8.20 -0.71 -12.32
N ALA A 17 8.89 0.43 -12.17
CA ALA A 17 9.06 1.01 -10.83
C ALA A 17 7.70 1.46 -10.30
N MET A 18 6.90 2.08 -11.17
CA MET A 18 5.57 2.53 -10.77
C MET A 18 4.67 1.33 -10.51
N ALA A 19 4.84 0.27 -11.31
CA ALA A 19 4.05 -0.94 -11.14
C ALA A 19 4.41 -1.60 -9.81
N GLY A 20 5.68 -1.52 -9.44
CA GLY A 20 6.15 -2.10 -8.19
C GLY A 20 5.69 -1.28 -7.01
N ASN A 21 5.55 0.02 -7.22
CA ASN A 21 5.07 0.94 -6.20
C ASN A 21 3.66 0.44 -5.84
N ALA A 22 2.84 0.24 -6.88
CA ALA A 22 1.46 -0.22 -6.70
C ALA A 22 1.29 -1.68 -6.30
N VAL A 23 1.89 -2.60 -7.05
CA VAL A 23 1.72 -4.03 -6.76
C VAL A 23 2.50 -4.47 -5.52
N GLY A 24 1.77 -4.75 -4.45
CA GLY A 24 2.41 -5.16 -3.21
C GLY A 24 1.52 -6.03 -2.35
N LEU A 25 1.70 -5.91 -1.04
CA LEU A 25 0.92 -6.69 -0.08
C LEU A 25 -0.59 -6.43 -0.23
N GLY A 26 -0.94 -5.27 -0.77
CA GLY A 26 -2.35 -4.96 -0.96
C GLY A 26 -3.03 -5.88 -1.96
N ASN A 27 -2.30 -6.31 -2.97
CA ASN A 27 -2.84 -7.19 -4.01
C ASN A 27 -3.02 -8.61 -3.55
N PHE A 28 -2.04 -9.11 -2.82
CA PHE A 28 -2.04 -10.50 -2.39
C PHE A 28 -2.59 -10.82 -1.01
N LEU A 29 -2.57 -9.84 -0.11
CA LEU A 29 -3.08 -10.04 1.24
C LEU A 29 -4.35 -9.24 1.53
N ARG A 30 -4.33 -7.95 1.22
CA ARG A 30 -5.50 -7.10 1.52
C ARG A 30 -6.72 -7.36 0.64
N PHE A 31 -6.52 -7.41 -0.68
CA PHE A 31 -7.63 -7.63 -1.60
C PHE A 31 -8.45 -8.88 -1.27
N PRO A 32 -7.80 -10.04 -1.13
CA PRO A 32 -8.56 -11.26 -0.83
C PRO A 32 -9.43 -11.14 0.42
N VAL A 33 -8.90 -10.53 1.47
CA VAL A 33 -9.67 -10.38 2.70
C VAL A 33 -10.86 -9.45 2.50
N GLN A 34 -10.64 -8.31 1.85
CA GLN A 34 -11.73 -7.36 1.61
C GLN A 34 -12.82 -8.00 0.76
N ALA A 35 -12.42 -8.69 -0.30
CA ALA A 35 -13.38 -9.35 -1.18
C ALA A 35 -14.15 -10.45 -0.46
N ALA A 36 -13.45 -11.35 0.21
CA ALA A 36 -14.09 -12.45 0.92
C ALA A 36 -15.00 -11.95 2.04
N GLU A 37 -14.55 -10.88 2.68
CA GLU A 37 -15.26 -10.26 3.79
C GLU A 37 -16.53 -9.54 3.34
N ASN A 38 -16.56 -9.12 2.08
CA ASN A 38 -17.71 -8.39 1.55
C ASN A 38 -18.54 -9.09 0.49
N GLY A 39 -18.63 -10.42 0.58
CA GLY A 39 -19.43 -11.18 -0.36
C GLY A 39 -18.83 -11.56 -1.70
N GLY A 40 -17.51 -11.47 -1.82
CA GLY A 40 -16.86 -11.82 -3.07
C GLY A 40 -17.37 -11.01 -4.25
N GLY A 41 -18.14 -11.64 -5.12
CA GLY A 41 -18.68 -10.97 -6.30
C GLY A 41 -19.43 -9.70 -5.99
N ALA A 42 -20.07 -9.62 -4.82
CA ALA A 42 -20.81 -8.44 -4.42
C ALA A 42 -19.87 -7.24 -4.21
N PHE A 43 -18.63 -7.55 -3.85
CA PHE A 43 -17.61 -6.53 -3.61
C PHE A 43 -17.04 -6.01 -4.93
N MET A 44 -16.95 -6.90 -5.91
CA MET A 44 -16.37 -6.57 -7.20
C MET A 44 -17.04 -5.47 -8.01
N ILE A 45 -18.37 -5.38 -7.98
CA ILE A 45 -19.03 -4.33 -8.75
C ILE A 45 -18.61 -2.95 -8.25
N PRO A 46 -18.75 -2.68 -6.94
CA PRO A 46 -18.35 -1.37 -6.41
C PRO A 46 -16.85 -1.15 -6.65
N TYR A 47 -16.08 -2.23 -6.55
CA TYR A 47 -14.64 -2.19 -6.76
C TYR A 47 -14.29 -1.69 -8.16
N ILE A 48 -14.94 -2.27 -9.16
CA ILE A 48 -14.69 -1.90 -10.55
C ILE A 48 -15.14 -0.46 -10.81
N ILE A 49 -16.27 -0.07 -10.23
CA ILE A 49 -16.78 1.29 -10.39
C ILE A 49 -15.83 2.28 -9.72
N ALA A 50 -15.32 1.93 -8.54
CA ALA A 50 -14.40 2.80 -7.83
C ALA A 50 -13.12 2.96 -8.66
N PHE A 51 -12.69 1.89 -9.32
CA PHE A 51 -11.48 1.96 -10.15
C PHE A 51 -11.66 2.97 -11.29
N LEU A 52 -12.83 2.93 -11.92
CA LEU A 52 -13.13 3.83 -13.04
C LEU A 52 -13.40 5.28 -12.64
N LEU A 53 -14.10 5.46 -11.53
CA LEU A 53 -14.46 6.81 -11.08
C LEU A 53 -13.49 7.45 -10.09
N VAL A 54 -12.61 6.65 -9.49
CA VAL A 54 -11.66 7.18 -8.53
C VAL A 54 -10.21 6.82 -8.83
N GLY A 55 -9.94 5.52 -8.98
CA GLY A 55 -8.58 5.07 -9.24
C GLY A 55 -7.88 5.67 -10.43
N ILE A 56 -8.48 5.50 -11.61
CA ILE A 56 -7.90 6.01 -12.83
C ILE A 56 -7.71 7.54 -12.82
N PRO A 57 -8.78 8.31 -12.54
CA PRO A 57 -8.60 9.77 -12.52
C PRO A 57 -7.58 10.29 -11.51
N LEU A 58 -7.58 9.76 -10.29
CA LEU A 58 -6.61 10.21 -9.30
C LEU A 58 -5.19 9.82 -9.68
N MET A 59 -5.02 8.69 -10.36
CA MET A 59 -3.70 8.25 -10.77
C MET A 59 -3.12 9.30 -11.73
N TRP A 60 -3.91 9.70 -12.72
CA TRP A 60 -3.45 10.72 -13.67
C TRP A 60 -3.14 12.03 -12.96
N ILE A 61 -4.01 12.42 -12.03
CA ILE A 61 -3.81 13.65 -11.29
C ILE A 61 -2.51 13.62 -10.49
N GLU A 62 -2.24 12.51 -9.81
CA GLU A 62 -1.00 12.44 -9.02
C GLU A 62 0.24 12.44 -9.91
N TRP A 63 0.17 11.77 -11.05
CA TRP A 63 1.32 11.76 -11.96
C TRP A 63 1.58 13.18 -12.45
N ALA A 64 0.51 13.87 -12.78
CA ALA A 64 0.58 15.24 -13.27
C ALA A 64 1.16 16.18 -12.21
N MET A 65 0.66 16.07 -10.99
CA MET A 65 1.15 16.91 -9.91
C MET A 65 2.62 16.66 -9.66
N GLY A 66 3.03 15.39 -9.70
CA GLY A 66 4.43 15.07 -9.48
C GLY A 66 5.36 15.57 -10.57
N ARG A 67 4.99 15.35 -11.82
CA ARG A 67 5.81 15.81 -12.93
C ARG A 67 5.93 17.33 -12.91
N TYR A 68 4.81 17.99 -12.60
CA TYR A 68 4.76 19.45 -12.52
C TYR A 68 5.71 19.97 -11.44
N GLY A 69 5.66 19.34 -10.27
CA GLY A 69 6.53 19.75 -9.19
C GLY A 69 7.98 19.44 -9.47
N GLY A 70 8.22 18.27 -10.07
CA GLY A 70 9.58 17.87 -10.38
C GLY A 70 10.30 18.84 -11.29
N ALA A 71 9.55 19.44 -12.22
CA ALA A 71 10.11 20.40 -13.17
C ALA A 71 10.71 21.60 -12.43
N GLN A 72 10.19 21.89 -11.24
CA GLN A 72 10.69 23.01 -10.46
C GLN A 72 11.55 22.56 -9.29
N GLY A 73 11.97 21.31 -9.30
CA GLY A 73 12.82 20.78 -8.25
C GLY A 73 12.13 20.33 -6.97
N HIS A 74 10.83 20.04 -7.04
CA HIS A 74 10.09 19.61 -5.87
C HIS A 74 9.34 18.30 -6.11
N GLY A 75 9.48 17.35 -5.21
CA GLY A 75 8.81 16.07 -5.37
C GLY A 75 7.77 15.72 -4.32
N THR A 76 7.65 16.54 -3.28
CA THR A 76 6.67 16.25 -2.22
C THR A 76 5.60 17.34 -2.09
N THR A 77 4.44 16.94 -1.56
CA THR A 77 3.30 17.85 -1.44
C THR A 77 3.41 19.16 -0.64
N PRO A 78 4.26 19.24 0.39
CA PRO A 78 4.29 20.53 1.07
C PRO A 78 4.63 21.64 0.09
N ALA A 79 5.60 21.38 -0.78
CA ALA A 79 6.02 22.35 -1.79
C ALA A 79 5.09 22.35 -2.99
N ILE A 80 4.74 21.18 -3.49
CA ILE A 80 3.88 21.10 -4.66
C ILE A 80 2.51 21.74 -4.44
N PHE A 81 1.90 21.49 -3.29
CA PHE A 81 0.59 22.09 -2.99
C PHE A 81 0.71 23.61 -3.02
N TYR A 82 1.84 24.11 -2.52
CA TYR A 82 2.08 25.55 -2.47
C TYR A 82 2.28 26.13 -3.87
N LEU A 83 2.90 25.35 -4.75
CA LEU A 83 3.13 25.79 -6.12
C LEU A 83 1.79 25.92 -6.83
N LEU A 84 0.87 25.04 -6.48
CA LEU A 84 -0.46 25.03 -7.08
C LEU A 84 -1.40 26.03 -6.41
N TRP A 85 -1.11 26.32 -5.15
CA TRP A 85 -1.92 27.25 -4.37
C TRP A 85 -1.03 27.95 -3.37
N ARG A 86 -0.53 29.13 -3.77
CA ARG A 86 0.37 29.90 -2.92
C ARG A 86 -0.32 30.49 -1.70
N ASN A 87 -0.62 29.60 -0.76
CA ASN A 87 -1.27 29.95 0.50
C ASN A 87 -0.59 29.09 1.55
N ARG A 88 -0.23 29.70 2.67
CA ARG A 88 0.46 28.98 3.75
C ARG A 88 -0.27 27.71 4.16
N PHE A 89 -1.60 27.72 4.06
CA PHE A 89 -2.39 26.56 4.44
C PHE A 89 -2.11 25.38 3.49
N ALA A 90 -1.63 25.69 2.30
CA ALA A 90 -1.30 24.66 1.32
C ALA A 90 -0.14 23.82 1.82
N LYS A 91 0.82 24.48 2.46
CA LYS A 91 2.00 23.81 2.99
C LYS A 91 1.63 22.88 4.13
N ILE A 92 0.69 23.31 4.97
CA ILE A 92 0.25 22.50 6.10
C ILE A 92 -0.51 21.27 5.63
N LEU A 93 -1.43 21.46 4.69
CA LEU A 93 -2.20 20.33 4.15
C LEU A 93 -1.22 19.39 3.47
N GLY A 94 -0.18 19.97 2.87
CA GLY A 94 0.83 19.21 2.19
C GLY A 94 1.60 18.27 3.11
N VAL A 95 1.65 18.59 4.39
CA VAL A 95 2.37 17.74 5.35
C VAL A 95 1.83 16.31 5.34
N PHE A 96 0.55 16.15 5.04
CA PHE A 96 -0.04 14.81 5.00
C PHE A 96 0.65 13.94 3.94
N GLY A 97 1.24 14.60 2.93
CA GLY A 97 1.94 13.89 1.88
C GLY A 97 3.27 13.32 2.34
N LEU A 98 3.66 13.65 3.56
CA LEU A 98 4.88 13.14 4.16
C LEU A 98 4.49 12.24 5.33
N TRP A 99 3.48 12.66 6.07
CA TRP A 99 2.99 11.94 7.23
C TRP A 99 2.35 10.59 6.88
N ILE A 100 1.43 10.59 5.91
CA ILE A 100 0.77 9.34 5.52
C ILE A 100 1.76 8.27 5.08
N PRO A 101 2.66 8.58 4.12
CA PRO A 101 3.61 7.54 3.72
C PRO A 101 4.54 7.10 4.85
N LEU A 102 4.93 8.02 5.70
CA LEU A 102 5.83 7.68 6.82
C LEU A 102 5.13 6.74 7.81
N VAL A 103 3.91 7.10 8.20
CA VAL A 103 3.16 6.28 9.13
C VAL A 103 2.87 4.90 8.54
N VAL A 104 2.52 4.86 7.26
CA VAL A 104 2.24 3.57 6.64
C VAL A 104 3.51 2.72 6.58
N ALA A 105 4.65 3.36 6.28
CA ALA A 105 5.91 2.63 6.21
C ALA A 105 6.24 2.02 7.57
N ILE A 106 5.90 2.72 8.63
CA ILE A 106 6.18 2.28 9.99
C ILE A 106 5.57 0.91 10.34
N TYR A 107 4.45 0.54 9.70
CA TYR A 107 3.90 -0.79 9.96
C TYR A 107 4.01 -1.67 8.73
N TYR A 108 4.01 -1.07 7.54
CA TYR A 108 4.08 -1.85 6.31
C TYR A 108 5.42 -2.59 6.19
N VAL A 109 6.52 -1.92 6.56
CA VAL A 109 7.82 -2.56 6.49
C VAL A 109 7.90 -3.73 7.49
N TYR A 110 7.23 -3.61 8.62
CA TYR A 110 7.26 -4.71 9.60
C TYR A 110 6.51 -5.92 9.04
N ILE A 111 5.34 -5.70 8.43
CA ILE A 111 4.60 -6.81 7.86
C ILE A 111 5.46 -7.45 6.75
N GLU A 112 6.10 -6.61 5.96
CA GLU A 112 6.98 -7.09 4.89
C GLU A 112 8.07 -7.97 5.50
N SER A 113 8.61 -7.56 6.64
CA SER A 113 9.66 -8.35 7.30
C SER A 113 9.15 -9.73 7.71
N TRP A 114 7.87 -9.86 8.06
CA TRP A 114 7.33 -11.16 8.43
C TRP A 114 7.41 -12.09 7.21
N THR A 115 7.16 -11.56 6.02
CA THR A 115 7.20 -12.40 4.82
C THR A 115 8.62 -12.88 4.55
N LEU A 116 9.62 -12.06 4.86
CA LEU A 116 11.01 -12.48 4.66
C LEU A 116 11.35 -13.57 5.68
N GLY A 117 10.93 -13.34 6.93
CA GLY A 117 11.19 -14.30 7.99
C GLY A 117 10.53 -15.64 7.70
N PHE A 118 9.28 -15.59 7.24
CA PHE A 118 8.58 -16.82 6.91
C PHE A 118 9.25 -17.48 5.70
N ALA A 119 9.64 -16.69 4.70
CA ALA A 119 10.28 -17.25 3.53
C ALA A 119 11.52 -18.02 3.98
N ILE A 120 12.32 -17.41 4.84
CA ILE A 120 13.52 -18.06 5.35
C ILE A 120 13.21 -19.36 6.07
N LYS A 121 12.28 -19.32 7.04
CA LYS A 121 11.96 -20.54 7.78
C LYS A 121 11.36 -21.63 6.91
N PHE A 122 10.53 -21.26 5.94
CA PHE A 122 9.93 -22.26 5.06
C PHE A 122 10.99 -22.85 4.13
N LEU A 123 11.92 -22.02 3.66
CA LEU A 123 12.98 -22.50 2.78
C LEU A 123 13.83 -23.57 3.49
N VAL A 124 14.19 -23.30 4.73
CA VAL A 124 15.03 -24.23 5.50
C VAL A 124 14.25 -25.33 6.21
N GLY A 125 12.93 -25.32 6.06
CA GLY A 125 12.10 -26.36 6.66
C GLY A 125 11.81 -26.27 8.14
N LEU A 126 12.03 -25.11 8.74
CA LEU A 126 11.75 -24.92 10.16
C LEU A 126 10.30 -24.48 10.26
N VAL A 127 9.40 -25.40 9.93
CA VAL A 127 7.98 -25.12 9.95
C VAL A 127 7.23 -26.17 10.76
N PRO A 128 5.99 -25.86 11.15
CA PRO A 128 5.19 -26.80 11.94
C PRO A 128 4.89 -28.09 11.21
N GLU A 129 4.78 -29.17 11.97
CA GLU A 129 4.47 -30.48 11.42
C GLU A 129 3.01 -30.77 11.75
N PRO A 130 2.10 -30.38 10.85
CA PRO A 130 0.67 -30.60 11.06
C PRO A 130 0.50 -32.09 11.28
N PRO A 131 -0.67 -32.52 11.76
CA PRO A 131 -0.76 -33.95 11.99
C PRO A 131 -1.43 -34.89 10.99
N PRO A 132 -0.74 -36.00 10.68
CA PRO A 132 -1.23 -37.01 9.74
C PRO A 132 -1.77 -38.25 10.49
N THR A 135 -7.31 -35.42 9.50
CA THR A 135 -7.64 -34.43 8.48
C THR A 135 -8.64 -33.44 9.09
N ASP A 136 -8.53 -33.29 10.42
CA ASP A 136 -9.36 -32.37 11.20
C ASP A 136 -8.78 -30.97 11.04
N PRO A 137 -9.54 -30.08 10.38
CA PRO A 137 -9.19 -28.67 10.10
C PRO A 137 -8.46 -27.90 11.21
N ASP A 138 -8.92 -27.99 12.45
CA ASP A 138 -8.26 -27.29 13.53
C ASP A 138 -6.90 -27.93 13.82
N SER A 139 -6.86 -29.25 13.76
CA SER A 139 -5.62 -29.97 14.00
C SER A 139 -4.60 -29.63 12.92
N ILE A 140 -5.08 -29.16 11.77
CA ILE A 140 -4.22 -28.78 10.65
C ILE A 140 -3.83 -27.31 10.70
N LEU A 141 -4.79 -26.45 11.04
CA LEU A 141 -4.56 -25.01 11.10
C LEU A 141 -3.88 -24.53 12.39
N ARG A 142 -4.19 -25.18 13.51
CA ARG A 142 -3.61 -24.76 14.79
C ARG A 142 -2.10 -24.62 14.81
N PRO A 143 -1.36 -25.60 14.27
CA PRO A 143 0.11 -25.50 14.28
C PRO A 143 0.62 -24.26 13.55
N PHE A 144 -0.08 -23.89 12.47
CA PHE A 144 0.31 -22.72 11.71
C PHE A 144 -0.10 -21.44 12.40
N LYS A 145 -1.21 -21.47 13.12
CA LYS A 145 -1.65 -20.28 13.84
C LYS A 145 -0.63 -20.04 14.96
N GLU A 146 -0.22 -21.10 15.64
CA GLU A 146 0.76 -20.97 16.72
C GLU A 146 2.09 -20.47 16.16
N PHE A 147 2.42 -20.87 14.94
CA PHE A 147 3.65 -20.45 14.27
C PHE A 147 3.66 -18.93 14.10
N LEU A 148 2.58 -18.39 13.55
CA LEU A 148 2.49 -16.95 13.34
C LEU A 148 2.48 -16.22 14.68
N TYR A 149 1.66 -16.70 15.61
CA TYR A 149 1.53 -16.07 16.92
C TYR A 149 2.83 -16.01 17.71
N SER A 150 3.68 -17.03 17.56
CA SER A 150 4.97 -17.05 18.25
C SER A 150 5.97 -16.15 17.57
N TYR A 151 5.79 -15.93 16.27
CA TYR A 151 6.69 -15.09 15.49
C TYR A 151 6.49 -13.62 15.87
N ILE A 152 5.24 -13.15 15.80
CA ILE A 152 4.96 -11.76 16.12
C ILE A 152 4.72 -11.53 17.61
N GLY A 153 4.52 -12.60 18.36
CA GLY A 153 4.33 -12.50 19.80
C GLY A 153 2.97 -12.02 20.29
N VAL A 154 1.91 -12.61 19.76
CA VAL A 154 0.54 -12.26 20.16
C VAL A 154 0.34 -12.47 21.67
N PRO A 155 -0.38 -11.55 22.33
CA PRO A 155 -0.66 -11.62 23.77
C PRO A 155 -1.35 -12.91 24.19
N LYS A 156 -0.80 -13.56 25.21
CA LYS A 156 -1.38 -14.79 25.73
C LYS A 156 -2.17 -14.45 27.01
N GLY A 157 -1.86 -13.29 27.58
CA GLY A 157 -2.52 -12.85 28.79
C GLY A 157 -3.51 -11.72 28.58
N ASP A 158 -3.61 -10.82 29.55
CA ASP A 158 -4.53 -9.70 29.48
C ASP A 158 -3.87 -8.41 28.99
N GLU A 159 -2.56 -8.29 29.22
CA GLU A 159 -1.82 -7.10 28.81
C GLU A 159 -1.79 -6.98 27.28
N PRO A 160 -2.01 -5.76 26.75
CA PRO A 160 -2.01 -5.51 25.31
C PRO A 160 -0.59 -5.39 24.77
N ILE A 161 0.27 -6.30 25.22
CA ILE A 161 1.68 -6.29 24.83
C ILE A 161 2.07 -7.45 23.92
N LEU A 162 2.86 -7.13 22.89
CA LEU A 162 3.34 -8.13 21.95
C LEU A 162 4.79 -8.45 22.32
N LYS A 163 5.21 -9.69 22.06
CA LYS A 163 6.57 -10.10 22.35
C LYS A 163 7.15 -10.82 21.14
N PRO A 164 7.58 -10.05 20.12
CA PRO A 164 8.16 -10.59 18.89
C PRO A 164 9.33 -11.52 19.21
N SER A 165 9.47 -12.60 18.45
CA SER A 165 10.59 -13.50 18.67
C SER A 165 11.87 -12.78 18.29
N LEU A 166 13.01 -13.28 18.76
CA LEU A 166 14.28 -12.66 18.44
C LEU A 166 14.51 -12.74 16.93
N PHE A 167 14.14 -13.86 16.33
CA PHE A 167 14.29 -14.01 14.89
C PHE A 167 13.49 -12.93 14.15
N ALA A 168 12.26 -12.70 14.57
CA ALA A 168 11.43 -11.68 13.92
C ALA A 168 12.08 -10.30 14.00
N TYR A 169 12.62 -9.96 15.17
CA TYR A 169 13.26 -8.68 15.36
C TYR A 169 14.47 -8.51 14.45
N ILE A 170 15.32 -9.53 14.41
N ILE A 170 15.31 -9.53 14.40
CA ILE A 170 16.51 -9.51 13.56
CA ILE A 170 16.51 -9.51 13.57
C ILE A 170 16.14 -9.42 12.08
C ILE A 170 16.13 -9.41 12.09
N VAL A 171 15.08 -10.11 11.69
CA VAL A 171 14.63 -10.08 10.30
C VAL A 171 14.11 -8.69 9.94
N PHE A 172 13.52 -7.98 10.90
CA PHE A 172 13.02 -6.63 10.61
C PHE A 172 14.23 -5.73 10.31
N LEU A 173 15.30 -5.93 11.08
CA LEU A 173 16.53 -5.17 10.89
C LEU A 173 17.10 -5.44 9.51
N ILE A 174 17.13 -6.70 9.11
CA ILE A 174 17.65 -7.08 7.80
C ILE A 174 16.78 -6.44 6.72
N THR A 175 15.46 -6.50 6.93
CA THR A 175 14.53 -5.92 5.97
C THR A 175 14.78 -4.42 5.81
N MET A 176 15.03 -3.72 6.91
CA MET A 176 15.32 -2.30 6.85
C MET A 176 16.60 -2.09 6.06
N PHE A 177 17.59 -2.94 6.31
CA PHE A 177 18.86 -2.84 5.60
C PHE A 177 18.68 -3.05 4.09
N ILE A 178 17.84 -4.00 3.71
CA ILE A 178 17.60 -4.26 2.29
C ILE A 178 16.92 -3.06 1.63
N ASN A 179 15.94 -2.47 2.32
CA ASN A 179 15.24 -1.29 1.77
C ASN A 179 16.27 -0.16 1.57
N VAL A 180 17.12 0.03 2.56
CA VAL A 180 18.15 1.06 2.50
C VAL A 180 19.12 0.83 1.34
N SER A 181 19.53 -0.43 1.16
CA SER A 181 20.48 -0.77 0.09
C SER A 181 19.97 -0.38 -1.29
N ILE A 182 18.65 -0.36 -1.48
CA ILE A 182 18.06 0.02 -2.75
C ILE A 182 17.93 1.55 -2.83
N LEU A 183 17.30 2.14 -1.82
CA LEU A 183 17.09 3.59 -1.78
C LEU A 183 18.36 4.44 -1.81
N ILE A 184 19.42 3.94 -1.18
CA ILE A 184 20.67 4.67 -1.11
C ILE A 184 21.35 4.80 -2.48
N ARG A 185 20.93 3.96 -3.43
CA ARG A 185 21.49 4.03 -4.78
C ARG A 185 20.70 4.99 -5.65
N GLY A 186 19.60 5.52 -5.12
CA GLY A 186 18.81 6.48 -5.86
C GLY A 186 17.75 5.95 -6.80
N ILE A 187 17.24 6.84 -7.65
CA ILE A 187 16.18 6.51 -8.59
C ILE A 187 16.55 5.57 -9.73
N SER A 188 17.45 5.98 -10.61
CA SER A 188 17.81 5.14 -11.76
C SER A 188 18.67 3.92 -11.41
N LYS A 189 19.66 4.11 -10.54
CA LYS A 189 20.54 3.01 -10.18
C LYS A 189 20.03 2.20 -8.99
N GLY A 190 18.97 2.66 -8.36
CA GLY A 190 18.42 1.95 -7.22
C GLY A 190 17.03 1.38 -7.47
N ILE A 191 16.03 2.24 -7.31
CA ILE A 191 14.63 1.84 -7.48
C ILE A 191 14.34 1.25 -8.86
N GLU A 192 14.73 1.97 -9.90
CA GLU A 192 14.48 1.54 -11.27
C GLU A 192 15.20 0.23 -11.58
N ARG A 193 16.49 0.16 -11.24
N ARG A 193 16.49 0.16 -11.24
CA ARG A 193 17.28 -1.03 -11.49
CA ARG A 193 17.28 -1.03 -11.48
C ARG A 193 16.67 -2.23 -10.78
C ARG A 193 16.67 -2.23 -10.78
N PHE A 194 16.25 -2.04 -9.54
CA PHE A 194 15.66 -3.12 -8.78
C PHE A 194 14.32 -3.58 -9.36
N ALA A 195 13.51 -2.63 -9.81
CA ALA A 195 12.20 -2.94 -10.38
C ALA A 195 12.32 -3.84 -11.61
N LYS A 196 13.37 -3.63 -12.41
CA LYS A 196 13.55 -4.44 -13.60
C LYS A 196 13.86 -5.89 -13.27
N ILE A 197 14.32 -6.14 -12.04
CA ILE A 197 14.64 -7.48 -11.59
C ILE A 197 13.49 -8.09 -10.80
N ALA A 198 12.90 -7.27 -9.92
CA ALA A 198 11.81 -7.71 -9.06
C ALA A 198 10.47 -8.00 -9.73
N MET A 199 10.02 -7.10 -10.59
CA MET A 199 8.72 -7.30 -11.23
C MET A 199 8.63 -8.57 -12.06
N PRO A 200 9.65 -8.87 -12.88
CA PRO A 200 9.57 -10.10 -13.67
C PRO A 200 9.50 -11.31 -12.75
N THR A 201 10.32 -11.29 -11.69
CA THR A 201 10.35 -12.39 -10.73
C THR A 201 8.99 -12.55 -10.06
N LEU A 202 8.41 -11.42 -9.67
CA LEU A 202 7.10 -11.39 -9.01
C LEU A 202 6.02 -12.00 -9.90
N PHE A 203 5.99 -11.56 -11.16
CA PHE A 203 5.00 -12.07 -12.11
C PHE A 203 5.13 -13.58 -12.30
N ILE A 204 6.35 -14.06 -12.52
CA ILE A 204 6.57 -15.49 -12.71
C ILE A 204 6.14 -16.31 -11.49
N LEU A 205 6.56 -15.86 -10.31
CA LEU A 205 6.22 -16.57 -9.08
C LEU A 205 4.70 -16.60 -8.89
N ALA A 206 4.04 -15.47 -9.14
CA ALA A 206 2.60 -15.37 -8.99
C ALA A 206 1.84 -16.28 -9.97
N VAL A 207 2.26 -16.29 -11.22
CA VAL A 207 1.60 -17.14 -12.21
C VAL A 207 1.77 -18.61 -11.82
N PHE A 208 2.97 -18.98 -11.40
CA PHE A 208 3.22 -20.36 -10.98
C PHE A 208 2.31 -20.77 -9.83
N LEU A 209 2.18 -19.89 -8.84
CA LEU A 209 1.34 -20.19 -7.68
C LEU A 209 -0.13 -20.35 -8.07
N VAL A 210 -0.60 -19.51 -8.99
CA VAL A 210 -1.98 -19.62 -9.43
C VAL A 210 -2.20 -21.00 -10.08
N ILE A 211 -1.26 -21.40 -10.92
CA ILE A 211 -1.35 -22.70 -11.59
C ILE A 211 -1.41 -23.83 -10.57
N ARG A 212 -0.52 -23.81 -9.58
CA ARG A 212 -0.51 -24.84 -8.55
C ARG A 212 -1.81 -24.85 -7.76
N VAL A 213 -2.33 -23.66 -7.44
CA VAL A 213 -3.57 -23.56 -6.68
C VAL A 213 -4.74 -24.11 -7.49
N PHE A 214 -4.71 -23.87 -8.80
CA PHE A 214 -5.76 -24.33 -9.71
C PHE A 214 -5.83 -25.86 -9.81
N LEU A 215 -4.81 -26.53 -9.28
CA LEU A 215 -4.79 -28.00 -9.32
C LEU A 215 -5.35 -28.58 -8.02
N LEU A 216 -5.69 -27.72 -7.07
CA LEU A 216 -6.23 -28.15 -5.80
C LEU A 216 -7.67 -28.63 -5.87
N GLU A 217 -7.91 -29.81 -5.33
CA GLU A 217 -9.24 -30.38 -5.27
C GLU A 217 -9.33 -31.25 -4.04
N THR A 218 -10.43 -31.13 -3.32
CA THR A 218 -10.65 -31.91 -2.11
C THR A 218 -12.12 -32.25 -2.08
N PRO A 219 -12.53 -33.09 -1.11
CA PRO A 219 -13.95 -33.45 -1.03
C PRO A 219 -14.84 -32.24 -0.80
N ASN A 220 -14.24 -31.13 -0.37
CA ASN A 220 -14.99 -29.90 -0.09
C ASN A 220 -15.13 -28.96 -1.28
N GLY A 221 -14.35 -29.17 -2.33
CA GLY A 221 -14.45 -28.31 -3.48
C GLY A 221 -13.20 -28.22 -4.32
N THR A 222 -13.22 -27.31 -5.29
CA THR A 222 -12.09 -27.10 -6.18
C THR A 222 -11.79 -25.61 -6.23
N ALA A 223 -10.67 -25.25 -6.85
CA ALA A 223 -10.29 -23.84 -6.98
C ALA A 223 -11.36 -23.09 -7.76
N ALA A 224 -12.01 -23.78 -8.69
CA ALA A 224 -13.05 -23.19 -9.52
C ALA A 224 -14.17 -22.60 -8.66
N ASP A 225 -14.53 -23.30 -7.59
CA ASP A 225 -15.59 -22.82 -6.70
C ASP A 225 -15.19 -21.47 -6.09
N GLY A 226 -13.88 -21.28 -5.94
CA GLY A 226 -13.38 -20.03 -5.39
C GLY A 226 -13.55 -18.89 -6.38
N LEU A 227 -13.21 -19.16 -7.64
CA LEU A 227 -13.34 -18.16 -8.69
C LEU A 227 -14.81 -17.78 -8.87
N ASN A 228 -15.70 -18.76 -8.82
CA ASN A 228 -17.14 -18.47 -8.97
C ASN A 228 -17.62 -17.59 -7.83
N PHE A 229 -17.10 -17.84 -6.63
CA PHE A 229 -17.48 -17.04 -5.47
C PHE A 229 -17.06 -15.59 -5.67
N LEU A 230 -15.85 -15.39 -6.18
CA LEU A 230 -15.31 -14.05 -6.38
C LEU A 230 -15.85 -13.32 -7.61
N TRP A 231 -16.20 -14.07 -8.65
CA TRP A 231 -16.67 -13.43 -9.88
C TRP A 231 -18.15 -13.55 -10.22
N THR A 232 -18.99 -13.86 -9.23
CA THR A 232 -20.44 -13.95 -9.46
C THR A 232 -21.09 -12.73 -8.84
N PRO A 233 -21.70 -11.87 -9.68
CA PRO A 233 -22.37 -10.64 -9.21
C PRO A 233 -23.51 -10.86 -8.23
N ASP A 234 -23.65 -9.92 -7.30
CA ASP A 234 -24.71 -9.94 -6.29
C ASP A 234 -25.24 -8.51 -6.21
N PHE A 235 -26.07 -8.16 -7.19
CA PHE A 235 -26.66 -6.83 -7.29
C PHE A 235 -27.49 -6.39 -6.08
N GLU A 236 -27.50 -7.19 -5.03
CA GLU A 236 -28.30 -6.86 -3.86
C GLU A 236 -27.50 -6.31 -2.70
N LYS A 237 -26.21 -6.05 -2.93
CA LYS A 237 -25.34 -5.49 -1.90
C LYS A 237 -24.89 -4.12 -2.38
N LEU A 238 -25.15 -3.84 -3.65
CA LEU A 238 -24.79 -2.56 -4.28
C LEU A 238 -25.35 -1.38 -3.49
N LYS A 239 -26.31 -1.66 -2.61
CA LYS A 239 -26.91 -0.61 -1.80
C LYS A 239 -26.33 -0.52 -0.39
N ASP A 240 -25.21 -1.19 -0.14
CA ASP A 240 -24.62 -1.15 1.20
C ASP A 240 -23.39 -0.23 1.20
N PRO A 241 -23.42 0.82 2.03
CA PRO A 241 -22.32 1.78 2.13
C PRO A 241 -21.02 1.11 2.56
N GLY A 242 -21.13 0.16 3.49
CA GLY A 242 -19.96 -0.55 3.98
C GLY A 242 -19.14 -1.17 2.87
N VAL A 243 -19.81 -1.79 1.89
CA VAL A 243 -19.12 -2.41 0.77
C VAL A 243 -18.45 -1.34 -0.07
N TRP A 244 -19.12 -0.21 -0.26
CA TRP A 244 -18.57 0.88 -1.04
C TRP A 244 -17.35 1.46 -0.34
N ILE A 245 -17.44 1.60 0.98
CA ILE A 245 -16.33 2.13 1.75
C ILE A 245 -15.13 1.18 1.65
N ALA A 246 -15.40 -0.12 1.71
CA ALA A 246 -14.34 -1.11 1.61
C ALA A 246 -13.71 -1.07 0.22
N ALA A 247 -14.55 -1.03 -0.80
CA ALA A 247 -14.10 -1.00 -2.19
C ALA A 247 -13.24 0.22 -2.50
N VAL A 248 -13.71 1.41 -2.13
CA VAL A 248 -12.95 2.63 -2.39
C VAL A 248 -11.66 2.62 -1.60
N GLY A 249 -11.73 2.17 -0.36
CA GLY A 249 -10.53 2.11 0.47
C GLY A 249 -9.49 1.21 -0.17
N GLN A 250 -9.91 0.06 -0.68
CA GLN A 250 -9.00 -0.88 -1.31
C GLN A 250 -8.38 -0.28 -2.57
N ILE A 251 -9.20 0.42 -3.37
CA ILE A 251 -8.69 1.04 -4.59
C ILE A 251 -7.57 2.03 -4.28
N PHE A 252 -7.77 2.86 -3.25
CA PHE A 252 -6.74 3.83 -2.85
C PHE A 252 -5.49 3.10 -2.41
N PHE A 253 -5.67 2.15 -1.50
CA PHE A 253 -4.53 1.41 -0.98
C PHE A 253 -3.77 0.66 -2.07
N THR A 254 -4.48 -0.08 -2.92
CA THR A 254 -3.80 -0.86 -3.93
C THR A 254 -3.11 -0.06 -5.02
N LEU A 255 -3.65 1.12 -5.34
CA LEU A 255 -3.01 1.93 -6.37
C LEU A 255 -2.00 2.92 -5.82
N SER A 256 -1.79 2.88 -4.50
CA SER A 256 -0.86 3.79 -3.83
C SER A 256 -1.32 5.24 -3.97
N LEU A 257 -2.63 5.46 -4.02
CA LEU A 257 -3.16 6.81 -4.17
C LEU A 257 -3.43 7.44 -2.80
N GLY A 258 -3.06 8.73 -2.69
CA GLY A 258 -3.26 9.45 -1.44
C GLY A 258 -2.15 9.25 -0.43
N PHE A 259 -1.06 8.61 -0.87
CA PHE A 259 0.11 8.33 -0.03
C PHE A 259 1.29 9.24 -0.38
N GLY A 260 1.09 10.10 -1.38
CA GLY A 260 2.14 11.00 -1.82
C GLY A 260 3.27 10.26 -2.52
N ALA A 261 3.13 8.94 -2.67
CA ALA A 261 4.15 8.11 -3.30
C ALA A 261 4.15 8.16 -4.82
N ILE A 262 2.96 8.17 -5.42
CA ILE A 262 2.87 8.24 -6.87
C ILE A 262 3.41 9.60 -7.29
N ILE A 263 3.03 10.63 -6.53
CA ILE A 263 3.47 11.99 -6.79
C ILE A 263 4.98 12.11 -6.75
N THR A 264 5.62 11.55 -5.72
CA THR A 264 7.06 11.64 -5.64
C THR A 264 7.77 10.89 -6.77
N TYR A 265 7.30 9.69 -7.10
CA TYR A 265 7.91 8.94 -8.19
C TYR A 265 7.78 9.71 -9.50
N ALA A 266 6.61 10.31 -9.72
CA ALA A 266 6.36 11.08 -10.93
C ALA A 266 7.19 12.35 -11.02
N SER A 267 7.73 12.80 -9.89
CA SER A 267 8.53 14.03 -9.90
C SER A 267 9.90 13.78 -10.55
N TYR A 268 10.19 12.53 -10.88
CA TYR A 268 11.45 12.18 -11.52
C TYR A 268 11.25 11.94 -13.01
N VAL A 269 10.01 12.10 -13.46
CA VAL A 269 9.68 11.93 -14.87
C VAL A 269 10.05 13.27 -15.55
N ARG A 270 10.75 13.21 -16.68
CA ARG A 270 11.13 14.44 -17.37
C ARG A 270 9.89 15.27 -17.73
N LYS A 271 10.02 16.59 -17.70
CA LYS A 271 8.91 17.50 -17.97
C LYS A 271 8.14 17.24 -19.28
N ASP A 272 8.84 16.78 -20.30
CA ASP A 272 8.23 16.52 -21.60
C ASP A 272 7.52 15.17 -21.67
N GLN A 273 8.02 14.21 -20.88
CA GLN A 273 7.51 12.85 -20.84
C GLN A 273 6.02 12.63 -20.58
N ASP A 274 5.46 11.70 -21.34
CA ASP A 274 4.05 11.33 -21.23
C ASP A 274 3.76 10.72 -19.85
N ILE A 275 2.57 11.02 -19.33
CA ILE A 275 2.14 10.46 -18.05
C ILE A 275 0.75 9.85 -18.22
N VAL A 276 0.10 10.16 -19.34
CA VAL A 276 -1.24 9.63 -19.58
C VAL A 276 -1.21 8.12 -19.84
N LEU A 277 -0.41 7.70 -20.81
CA LEU A 277 -0.32 6.27 -21.10
C LEU A 277 0.45 5.53 -20.02
N SER A 278 1.50 6.16 -19.52
CA SER A 278 2.33 5.56 -18.46
C SER A 278 1.52 5.32 -17.21
N GLY A 279 0.76 6.32 -16.79
CA GLY A 279 -0.06 6.19 -15.59
C GLY A 279 -1.13 5.14 -15.75
N LEU A 280 -1.79 5.14 -16.90
CA LEU A 280 -2.85 4.17 -17.17
C LEU A 280 -2.29 2.74 -17.18
N THR A 281 -1.09 2.57 -17.74
CA THR A 281 -0.46 1.27 -17.81
C THR A 281 -0.08 0.75 -16.42
N ALA A 282 0.48 1.63 -15.59
CA ALA A 282 0.85 1.25 -14.23
C ALA A 282 -0.41 0.80 -13.50
N ALA A 283 -1.49 1.55 -13.67
CA ALA A 283 -2.75 1.25 -13.03
C ALA A 283 -3.35 -0.07 -13.50
N THR A 284 -3.36 -0.31 -14.81
CA THR A 284 -3.91 -1.55 -15.34
C THR A 284 -3.06 -2.75 -14.95
N LEU A 285 -1.74 -2.58 -14.90
CA LEU A 285 -0.86 -3.68 -14.49
C LEU A 285 -1.20 -4.05 -13.04
N ASN A 286 -1.42 -3.05 -12.19
CA ASN A 286 -1.75 -3.34 -10.81
C ASN A 286 -3.07 -4.10 -10.69
N GLU A 287 -4.07 -3.65 -11.43
CA GLU A 287 -5.36 -4.31 -11.38
C GLU A 287 -5.32 -5.75 -11.86
N LYS A 288 -4.51 -6.03 -12.86
CA LYS A 288 -4.39 -7.39 -13.34
C LYS A 288 -3.74 -8.24 -12.26
N ALA A 289 -2.69 -7.71 -11.65
CA ALA A 289 -1.98 -8.43 -10.59
C ALA A 289 -2.89 -8.66 -9.39
N GLU A 290 -3.80 -7.73 -9.15
CA GLU A 290 -4.73 -7.82 -8.03
C GLU A 290 -5.88 -8.79 -8.24
N VAL A 291 -6.70 -8.53 -9.26
CA VAL A 291 -7.86 -9.37 -9.50
C VAL A 291 -7.57 -10.72 -10.16
N ILE A 292 -6.58 -10.78 -11.03
CA ILE A 292 -6.25 -12.03 -11.70
C ILE A 292 -5.25 -12.88 -10.90
N LEU A 293 -4.21 -12.25 -10.36
CA LEU A 293 -3.22 -13.00 -9.61
C LEU A 293 -3.55 -13.10 -8.12
N GLY A 294 -3.69 -11.97 -7.46
CA GLY A 294 -4.01 -11.98 -6.04
C GLY A 294 -5.36 -12.62 -5.76
N GLY A 295 -6.31 -12.41 -6.65
CA GLY A 295 -7.63 -12.97 -6.46
C GLY A 295 -7.71 -14.46 -6.72
N SER A 296 -6.77 -14.99 -7.51
CA SER A 296 -6.77 -16.40 -7.85
C SER A 296 -5.91 -17.32 -6.98
N ILE A 297 -5.27 -16.76 -5.96
CA ILE A 297 -4.43 -17.60 -5.11
C ILE A 297 -5.06 -18.03 -3.78
N SER A 298 -5.15 -17.11 -2.82
CA SER A 298 -5.67 -17.48 -1.51
C SER A 298 -7.15 -17.86 -1.39
N ILE A 299 -8.03 -17.12 -2.07
N ILE A 299 -8.04 -17.12 -2.06
CA ILE A 299 -9.45 -17.43 -2.01
CA ILE A 299 -9.46 -17.45 -1.97
C ILE A 299 -9.78 -18.79 -2.60
C ILE A 299 -9.77 -18.81 -2.59
N PRO A 300 -9.33 -19.06 -3.85
CA PRO A 300 -9.61 -20.36 -4.46
C PRO A 300 -9.03 -21.51 -3.62
N ALA A 301 -7.83 -21.31 -3.08
CA ALA A 301 -7.20 -22.34 -2.25
C ALA A 301 -8.02 -22.61 -1.00
N ALA A 302 -8.42 -21.55 -0.31
CA ALA A 302 -9.21 -21.69 0.92
C ALA A 302 -10.57 -22.32 0.66
N VAL A 303 -11.22 -21.88 -0.41
CA VAL A 303 -12.54 -22.41 -0.75
C VAL A 303 -12.45 -23.88 -1.14
N ALA A 304 -11.41 -24.23 -1.90
CA ALA A 304 -11.23 -25.61 -2.35
C ALA A 304 -11.10 -26.56 -1.17
N PHE A 305 -10.32 -26.17 -0.17
CA PHE A 305 -10.11 -27.02 1.00
C PHE A 305 -11.19 -26.95 2.09
N PHE A 306 -11.81 -25.79 2.27
CA PHE A 306 -12.81 -25.63 3.33
C PHE A 306 -14.22 -25.25 2.89
N GLY A 307 -14.40 -24.91 1.63
CA GLY A 307 -15.72 -24.51 1.17
C GLY A 307 -15.85 -23.00 1.35
N VAL A 308 -16.82 -22.40 0.67
CA VAL A 308 -17.01 -20.95 0.75
C VAL A 308 -17.34 -20.39 2.14
N ALA A 309 -18.35 -20.96 2.80
CA ALA A 309 -18.75 -20.48 4.12
C ALA A 309 -17.60 -20.46 5.12
N ASN A 310 -16.80 -21.52 5.15
CA ASN A 310 -15.67 -21.59 6.08
C ASN A 310 -14.55 -20.65 5.67
N ALA A 311 -14.32 -20.52 4.37
CA ALA A 311 -13.28 -19.64 3.86
C ALA A 311 -13.60 -18.21 4.28
N VAL A 312 -14.87 -17.82 4.09
CA VAL A 312 -15.30 -16.48 4.46
C VAL A 312 -15.14 -16.22 5.96
N ALA A 313 -15.50 -17.22 6.77
CA ALA A 313 -15.39 -17.08 8.22
C ALA A 313 -13.93 -16.93 8.64
N ILE A 314 -13.03 -17.58 7.91
CA ILE A 314 -11.60 -17.52 8.20
C ILE A 314 -11.09 -16.09 8.03
N ALA A 315 -11.46 -15.46 6.92
CA ALA A 315 -11.03 -14.11 6.60
C ALA A 315 -11.57 -13.08 7.61
N LYS A 316 -12.82 -13.23 8.00
CA LYS A 316 -13.44 -12.31 8.95
C LYS A 316 -12.85 -12.40 10.35
N ALA A 317 -12.40 -13.60 10.72
CA ALA A 317 -11.82 -13.85 12.04
C ALA A 317 -10.46 -13.20 12.28
N GLY A 318 -9.69 -13.04 11.22
CA GLY A 318 -8.38 -12.43 11.37
C GLY A 318 -7.86 -12.05 10.01
N ALA A 319 -7.59 -10.77 9.82
CA ALA A 319 -7.13 -10.28 8.52
C ALA A 319 -5.86 -10.96 8.02
N PHE A 320 -5.01 -11.44 8.93
CA PHE A 320 -3.77 -12.08 8.50
C PHE A 320 -3.90 -13.60 8.40
N ASN A 321 -5.06 -14.14 8.77
CA ASN A 321 -5.26 -15.59 8.73
C ASN A 321 -5.08 -16.23 7.37
N LEU A 322 -5.69 -15.65 6.35
CA LEU A 322 -5.63 -16.22 5.02
C LEU A 322 -4.23 -16.38 4.44
N GLY A 323 -3.44 -15.33 4.49
CA GLY A 323 -2.11 -15.39 3.92
C GLY A 323 -0.97 -15.95 4.75
N PHE A 324 -1.06 -15.84 6.07
CA PHE A 324 0.00 -16.31 6.94
C PHE A 324 -0.28 -17.63 7.67
N ILE A 325 -1.54 -18.05 7.68
CA ILE A 325 -1.88 -19.27 8.38
C ILE A 325 -2.55 -20.29 7.48
N THR A 326 -3.65 -19.88 6.86
CA THR A 326 -4.43 -20.77 6.01
C THR A 326 -3.72 -21.29 4.77
N LEU A 327 -3.17 -20.39 3.95
CA LEU A 327 -2.51 -20.85 2.73
C LEU A 327 -1.35 -21.80 3.03
N PRO A 328 -0.46 -21.44 3.97
CA PRO A 328 0.66 -22.37 4.24
C PRO A 328 0.14 -23.72 4.78
N ALA A 329 -0.92 -23.69 5.57
CA ALA A 329 -1.49 -24.92 6.13
C ALA A 329 -2.01 -25.81 5.00
N ILE A 330 -2.70 -25.20 4.04
CA ILE A 330 -3.23 -25.93 2.90
C ILE A 330 -2.07 -26.50 2.08
N PHE A 331 -1.07 -25.67 1.81
CA PHE A 331 0.09 -26.13 1.04
C PHE A 331 0.79 -27.31 1.70
N SER A 332 0.82 -27.31 3.03
CA SER A 332 1.48 -28.37 3.78
C SER A 332 0.87 -29.75 3.54
N GLN A 333 -0.36 -29.77 3.02
CA GLN A 333 -1.06 -31.02 2.75
C GLN A 333 -0.73 -31.58 1.37
N THR A 334 0.20 -30.95 0.68
CA THR A 334 0.57 -31.39 -0.66
C THR A 334 2.07 -31.62 -0.77
N ALA A 335 2.48 -32.47 -1.71
CA ALA A 335 3.89 -32.77 -1.91
C ALA A 335 4.64 -31.50 -2.32
N GLY A 336 5.73 -31.22 -1.64
CA GLY A 336 6.53 -30.04 -1.94
C GLY A 336 5.86 -28.78 -1.42
N GLY A 337 4.88 -28.98 -0.55
CA GLY A 337 4.12 -27.87 0.02
C GLY A 337 4.90 -26.85 0.82
N THR A 338 5.98 -27.28 1.48
CA THR A 338 6.79 -26.36 2.26
C THR A 338 7.51 -25.43 1.30
N PHE A 339 8.00 -25.95 0.18
CA PHE A 339 8.68 -25.12 -0.80
C PHE A 339 7.67 -24.19 -1.46
N LEU A 340 6.44 -24.65 -1.66
CA LEU A 340 5.40 -23.80 -2.24
C LEU A 340 5.17 -22.65 -1.26
N GLY A 341 5.23 -22.95 0.03
CA GLY A 341 5.06 -21.94 1.06
C GLY A 341 6.19 -20.93 0.93
N PHE A 342 7.40 -21.44 0.71
CA PHE A 342 8.55 -20.56 0.53
C PHE A 342 8.31 -19.60 -0.64
N LEU A 343 7.86 -20.14 -1.78
CA LEU A 343 7.61 -19.31 -2.96
C LEU A 343 6.56 -18.23 -2.71
N TRP A 344 5.53 -18.59 -1.95
CA TRP A 344 4.46 -17.65 -1.62
C TRP A 344 5.00 -16.49 -0.78
N PHE A 345 5.77 -16.80 0.26
CA PHE A 345 6.33 -15.75 1.10
C PHE A 345 7.43 -14.96 0.40
N PHE A 346 8.12 -15.59 -0.54
CA PHE A 346 9.16 -14.91 -1.30
C PHE A 346 8.44 -13.92 -2.22
N LEU A 347 7.33 -14.35 -2.80
CA LEU A 347 6.53 -13.49 -3.66
C LEU A 347 6.06 -12.28 -2.85
N LEU A 348 5.51 -12.53 -1.67
CA LEU A 348 5.04 -11.46 -0.80
C LEU A 348 6.15 -10.49 -0.45
N PHE A 349 7.35 -11.02 -0.18
CA PHE A 349 8.47 -10.17 0.18
C PHE A 349 8.84 -9.20 -0.95
N PHE A 350 8.98 -9.71 -2.17
CA PHE A 350 9.32 -8.84 -3.30
C PHE A 350 8.19 -7.85 -3.58
N ALA A 351 6.94 -8.30 -3.43
CA ALA A 351 5.80 -7.41 -3.63
C ALA A 351 5.87 -6.29 -2.59
N GLY A 352 6.15 -6.68 -1.35
CA GLY A 352 6.23 -5.69 -0.30
C GLY A 352 7.41 -4.75 -0.47
N LEU A 353 8.59 -5.30 -0.76
CA LEU A 353 9.81 -4.52 -0.91
C LEU A 353 9.70 -3.41 -1.98
N THR A 354 9.16 -3.76 -3.15
CA THR A 354 8.99 -2.78 -4.21
C THR A 354 8.01 -1.68 -3.83
N SER A 355 7.14 -1.95 -2.85
CA SER A 355 6.19 -0.94 -2.39
C SER A 355 6.71 -0.12 -1.21
N SER A 356 7.43 -0.76 -0.29
CA SER A 356 7.94 -0.02 0.86
C SER A 356 8.98 1.02 0.46
N ILE A 357 9.81 0.73 -0.55
CA ILE A 357 10.79 1.73 -0.97
C ILE A 357 10.03 2.94 -1.52
N ALA A 358 8.85 2.69 -2.08
CA ALA A 358 8.02 3.75 -2.64
C ALA A 358 7.41 4.68 -1.57
N ILE A 359 7.14 4.15 -0.37
CA ILE A 359 6.59 5.01 0.66
C ILE A 359 7.62 5.62 1.59
N MET A 360 8.89 5.31 1.36
CA MET A 360 9.95 5.91 2.14
C MET A 360 10.59 7.01 1.28
N GLN A 361 10.46 6.89 -0.04
CA GLN A 361 11.04 7.89 -0.94
C GLN A 361 10.48 9.31 -0.76
N PRO A 362 9.20 9.46 -0.34
CA PRO A 362 8.70 10.83 -0.16
C PRO A 362 9.48 11.61 0.90
N MET A 363 9.72 10.98 2.05
CA MET A 363 10.48 11.63 3.12
C MET A 363 11.90 11.90 2.62
N ILE A 364 12.46 10.95 1.88
CA ILE A 364 13.80 11.11 1.34
C ILE A 364 13.84 12.31 0.39
N ALA A 365 12.87 12.38 -0.52
CA ALA A 365 12.80 13.48 -1.49
C ALA A 365 12.63 14.82 -0.81
N PHE A 366 11.84 14.85 0.27
CA PHE A 366 11.63 16.10 0.99
C PHE A 366 12.95 16.56 1.62
N LEU A 367 13.66 15.65 2.28
CA LEU A 367 14.91 16.00 2.94
C LEU A 367 15.96 16.46 1.93
N GLU A 368 15.94 15.88 0.73
CA GLU A 368 16.89 16.24 -0.32
C GLU A 368 16.49 17.55 -0.99
N ASP A 369 15.24 17.61 -1.44
CA ASP A 369 14.72 18.79 -2.15
C ASP A 369 14.58 20.05 -1.30
N GLU A 370 14.02 19.91 -0.11
CA GLU A 370 13.77 21.07 0.74
C GLU A 370 14.80 21.39 1.82
N LEU A 371 15.41 20.38 2.42
CA LEU A 371 16.41 20.65 3.46
C LEU A 371 17.83 20.46 2.94
N LYS A 372 17.92 20.11 1.67
CA LYS A 372 19.20 19.95 0.99
C LYS A 372 20.16 18.91 1.54
N LEU A 373 19.65 17.84 2.13
CA LEU A 373 20.52 16.80 2.65
C LEU A 373 21.02 15.95 1.47
N SER A 374 22.15 15.29 1.64
CA SER A 374 22.68 14.42 0.60
C SER A 374 21.73 13.22 0.58
N ARG A 375 21.75 12.45 -0.50
CA ARG A 375 20.89 11.29 -0.59
C ARG A 375 21.22 10.30 0.53
N LYS A 376 22.51 10.11 0.79
CA LYS A 376 22.96 9.19 1.83
C LYS A 376 22.36 9.54 3.18
N HIS A 377 22.44 10.82 3.55
CA HIS A 377 21.93 11.27 4.82
C HIS A 377 20.41 11.24 4.87
N ALA A 378 19.78 11.59 3.76
CA ALA A 378 18.32 11.59 3.69
C ALA A 378 17.78 10.17 3.87
N VAL A 379 18.41 9.21 3.19
CA VAL A 379 18.00 7.82 3.29
C VAL A 379 18.22 7.27 4.70
N LEU A 380 19.40 7.54 5.27
CA LEU A 380 19.70 7.02 6.61
C LEU A 380 18.79 7.60 7.69
N TRP A 381 18.51 8.90 7.64
CA TRP A 381 17.64 9.49 8.65
C TRP A 381 16.21 8.97 8.52
N THR A 382 15.76 8.78 7.27
CA THR A 382 14.42 8.28 7.04
C THR A 382 14.33 6.86 7.61
N ALA A 383 15.36 6.05 7.34
CA ALA A 383 15.40 4.68 7.84
C ALA A 383 15.39 4.65 9.37
N ALA A 384 16.12 5.59 9.98
CA ALA A 384 16.21 5.68 11.44
C ALA A 384 14.84 6.00 12.04
N ILE A 385 14.13 6.95 11.44
CA ILE A 385 12.82 7.34 11.94
C ILE A 385 11.83 6.18 11.82
N VAL A 386 11.88 5.48 10.70
CA VAL A 386 10.98 4.34 10.49
C VAL A 386 11.33 3.19 11.43
N PHE A 387 12.62 2.87 11.54
CA PHE A 387 13.06 1.79 12.41
C PHE A 387 12.66 2.02 13.86
N PHE A 388 12.95 3.23 14.36
CA PHE A 388 12.62 3.58 15.73
C PHE A 388 11.11 3.51 15.97
N SER A 389 10.37 4.22 15.14
CA SER A 389 8.91 4.28 15.26
C SER A 389 8.24 2.92 15.19
N ALA A 390 8.82 2.02 14.39
CA ALA A 390 8.26 0.67 14.24
C ALA A 390 8.21 -0.10 15.55
N HIS A 391 8.99 0.30 16.54
CA HIS A 391 8.96 -0.42 17.82
C HIS A 391 7.58 -0.34 18.45
N LEU A 392 6.84 0.72 18.14
CA LEU A 392 5.49 0.86 18.66
C LEU A 392 4.59 -0.22 18.07
N VAL A 393 4.73 -0.45 16.76
CA VAL A 393 3.96 -1.46 16.06
C VAL A 393 4.37 -2.88 16.47
N MET A 394 5.65 -3.07 16.76
CA MET A 394 6.15 -4.40 17.14
C MET A 394 5.79 -4.83 18.56
N PHE A 395 5.63 -3.86 19.46
CA PHE A 395 5.36 -4.17 20.87
C PHE A 395 4.00 -3.85 21.44
N LEU A 396 3.24 -2.96 20.81
CA LEU A 396 1.91 -2.61 21.33
C LEU A 396 0.82 -3.23 20.47
N ASN A 397 0.05 -4.14 21.07
CA ASN A 397 -1.03 -4.80 20.35
C ASN A 397 -2.04 -3.77 19.80
N LYS A 398 -2.40 -3.94 18.52
CA LYS A 398 -3.35 -3.07 17.83
C LYS A 398 -2.83 -1.70 17.38
N SER A 399 -1.55 -1.43 17.63
CA SER A 399 -0.98 -0.17 17.18
C SER A 399 -1.01 -0.18 15.65
N LEU A 400 -0.65 -1.32 15.08
CA LEU A 400 -0.65 -1.48 13.62
C LEU A 400 -2.02 -1.13 13.03
N ASP A 401 -3.09 -1.65 13.66
CA ASP A 401 -4.43 -1.37 13.16
C ASP A 401 -4.78 0.12 13.23
N GLU A 402 -4.37 0.78 14.31
CA GLU A 402 -4.64 2.19 14.51
C GLU A 402 -3.93 3.00 13.42
N MET A 403 -2.66 2.68 13.15
CA MET A 403 -1.93 3.40 12.11
C MET A 403 -2.52 3.15 10.73
N ASP A 404 -2.89 1.90 10.47
CA ASP A 404 -3.46 1.53 9.19
C ASP A 404 -4.79 2.24 8.95
N PHE A 405 -5.52 2.51 10.02
CA PHE A 405 -6.80 3.21 9.87
C PHE A 405 -6.64 4.71 9.60
N TRP A 406 -5.98 5.42 10.51
CA TRP A 406 -5.82 6.86 10.35
C TRP A 406 -5.01 7.30 9.14
N ALA A 407 -3.91 6.62 8.86
CA ALA A 407 -3.10 7.00 7.72
C ALA A 407 -3.44 6.22 6.46
N GLY A 408 -3.44 4.89 6.57
CA GLY A 408 -3.69 4.04 5.42
C GLY A 408 -5.11 3.84 4.93
N THR A 409 -6.10 4.33 5.68
CA THR A 409 -7.48 4.15 5.28
C THR A 409 -8.23 5.46 5.13
N ILE A 410 -8.55 6.11 6.25
CA ILE A 410 -9.28 7.37 6.17
C ILE A 410 -8.34 8.46 5.66
N GLY A 411 -7.08 8.43 6.10
CA GLY A 411 -6.11 9.42 5.68
C GLY A 411 -5.94 9.57 4.17
N VAL A 412 -5.75 8.45 3.48
CA VAL A 412 -5.55 8.49 2.04
C VAL A 412 -6.78 8.98 1.29
N VAL A 413 -7.98 8.64 1.77
CA VAL A 413 -9.19 9.08 1.09
C VAL A 413 -9.32 10.59 1.25
N PHE A 414 -9.07 11.09 2.46
CA PHE A 414 -9.12 12.52 2.74
C PHE A 414 -8.07 13.25 1.90
N PHE A 415 -6.87 12.68 1.83
CA PHE A 415 -5.79 13.31 1.07
C PHE A 415 -6.06 13.27 -0.43
N GLY A 416 -6.72 12.22 -0.90
CA GLY A 416 -7.05 12.11 -2.30
C GLY A 416 -8.01 13.23 -2.70
N LEU A 417 -8.99 13.48 -1.85
CA LEU A 417 -9.98 14.53 -2.10
C LEU A 417 -9.28 15.88 -2.03
N THR A 418 -8.39 16.03 -1.06
CA THR A 418 -7.63 17.27 -0.88
C THR A 418 -6.79 17.61 -2.11
N GLU A 419 -6.03 16.65 -2.61
CA GLU A 419 -5.18 16.92 -3.77
C GLU A 419 -6.00 17.26 -5.01
N LEU A 420 -7.15 16.60 -5.18
CA LEU A 420 -8.02 16.85 -6.32
C LEU A 420 -8.57 18.28 -6.27
N ILE A 421 -9.03 18.70 -5.09
CA ILE A 421 -9.58 20.04 -4.91
C ILE A 421 -8.52 21.10 -5.19
N ILE A 422 -7.32 20.90 -4.64
CA ILE A 422 -6.23 21.85 -4.86
C ILE A 422 -5.79 21.92 -6.31
N PHE A 423 -5.71 20.78 -6.97
CA PHE A 423 -5.27 20.73 -8.37
C PHE A 423 -6.35 21.07 -9.40
N PHE A 424 -7.53 20.47 -9.26
CA PHE A 424 -8.60 20.69 -10.22
C PHE A 424 -9.56 21.84 -9.93
N TRP A 425 -9.60 22.30 -8.68
CA TRP A 425 -10.50 23.40 -8.34
C TRP A 425 -9.77 24.71 -8.07
N ILE A 426 -8.81 24.69 -7.16
CA ILE A 426 -8.06 25.88 -6.82
C ILE A 426 -7.06 26.27 -7.90
N PHE A 427 -6.19 25.34 -8.28
CA PHE A 427 -5.18 25.59 -9.31
C PHE A 427 -5.89 25.94 -10.62
N GLY A 428 -6.99 25.25 -10.90
CA GLY A 428 -7.74 25.49 -12.11
C GLY A 428 -7.98 24.24 -12.93
N ALA A 429 -9.25 23.90 -13.11
CA ALA A 429 -9.62 22.71 -13.86
C ALA A 429 -9.02 22.67 -15.26
N ASP A 430 -9.04 23.80 -15.97
CA ASP A 430 -8.48 23.83 -17.31
C ASP A 430 -6.97 23.82 -17.32
N LYS A 431 -6.35 24.44 -16.32
CA LYS A 431 -4.89 24.43 -16.22
C LYS A 431 -4.46 23.00 -15.86
N ALA A 432 -5.23 22.35 -15.00
CA ALA A 432 -4.95 20.99 -14.57
C ALA A 432 -5.10 20.02 -15.74
N TRP A 433 -6.20 20.14 -16.48
CA TRP A 433 -6.46 19.27 -17.62
C TRP A 433 -5.34 19.41 -18.65
N GLU A 434 -4.90 20.64 -18.86
CA GLU A 434 -3.82 20.92 -19.79
C GLU A 434 -2.51 20.27 -19.33
N GLU A 435 -2.20 20.42 -18.04
CA GLU A 435 -0.98 19.86 -17.48
C GLU A 435 -0.96 18.33 -17.58
N ILE A 436 -2.11 17.70 -17.35
CA ILE A 436 -2.20 16.24 -17.42
C ILE A 436 -1.94 15.72 -18.82
N ASN A 437 -2.58 16.35 -19.82
CA ASN A 437 -2.45 15.93 -21.20
C ASN A 437 -1.19 16.35 -21.95
N ARG A 438 -0.45 17.30 -21.40
CA ARG A 438 0.77 17.78 -22.04
C ARG A 438 1.82 16.68 -22.23
N GLY A 439 2.21 16.44 -23.48
CA GLY A 439 3.20 15.43 -23.78
C GLY A 439 2.67 14.00 -23.82
N GLY A 440 1.36 13.85 -23.61
CA GLY A 440 0.78 12.52 -23.62
C GLY A 440 0.86 11.78 -24.94
N ILE A 441 1.15 10.49 -24.88
CA ILE A 441 1.22 9.66 -26.07
C ILE A 441 -0.22 9.49 -26.53
N ILE A 442 -1.13 9.62 -25.57
CA ILE A 442 -2.56 9.53 -25.83
C ILE A 442 -3.20 10.60 -24.96
N LYS A 443 -4.39 11.04 -25.33
CA LYS A 443 -5.06 12.05 -24.55
C LYS A 443 -6.00 11.37 -23.57
N VAL A 444 -6.30 12.04 -22.47
CA VAL A 444 -7.23 11.49 -21.50
C VAL A 444 -8.63 11.60 -22.12
N PRO A 445 -9.43 10.54 -22.00
CA PRO A 445 -10.79 10.56 -22.57
C PRO A 445 -11.62 11.80 -22.15
N ARG A 446 -12.20 12.50 -23.13
CA ARG A 446 -12.99 13.72 -22.87
C ARG A 446 -13.89 13.69 -21.62
N ILE A 447 -14.66 12.62 -21.49
CA ILE A 447 -15.58 12.48 -20.35
C ILE A 447 -14.91 12.58 -18.98
N TYR A 448 -13.64 12.19 -18.90
CA TYR A 448 -12.94 12.23 -17.62
C TYR A 448 -12.71 13.63 -17.05
N TYR A 449 -12.87 14.66 -17.88
CA TYR A 449 -12.72 16.03 -17.39
C TYR A 449 -13.85 16.28 -16.40
N TYR A 450 -15.05 15.87 -16.79
CA TYR A 450 -16.24 16.06 -15.96
C TYR A 450 -16.21 15.14 -14.75
N VAL A 451 -15.59 13.97 -14.89
CA VAL A 451 -15.50 13.04 -13.78
C VAL A 451 -14.57 13.62 -12.72
N MET A 452 -13.42 14.10 -13.14
CA MET A 452 -12.43 14.68 -12.23
C MET A 452 -12.92 15.95 -11.53
N ARG A 453 -13.60 16.81 -12.27
CA ARG A 453 -14.08 18.06 -11.69
C ARG A 453 -15.33 17.94 -10.82
N TYR A 454 -16.25 17.06 -11.18
CA TYR A 454 -17.50 16.93 -10.42
C TYR A 454 -17.78 15.59 -9.73
N ILE A 455 -17.70 14.51 -10.50
CA ILE A 455 -18.00 13.17 -9.99
C ILE A 455 -17.09 12.66 -8.88
N THR A 456 -15.79 12.58 -9.15
CA THR A 456 -14.83 12.09 -8.17
C THR A 456 -14.90 12.81 -6.82
N PRO A 457 -14.80 14.15 -6.81
CA PRO A 457 -14.87 14.87 -5.53
C PRO A 457 -16.19 14.68 -4.80
N ALA A 458 -17.28 14.60 -5.54
CA ALA A 458 -18.61 14.41 -4.94
C ALA A 458 -18.68 13.01 -4.34
N PHE A 459 -18.15 12.05 -5.08
CA PHE A 459 -18.13 10.64 -4.67
C PHE A 459 -17.38 10.51 -3.34
N LEU A 460 -16.16 11.03 -3.29
CA LEU A 460 -15.34 10.97 -2.09
C LEU A 460 -15.93 11.76 -0.92
N ALA A 461 -16.49 12.93 -1.21
CA ALA A 461 -17.08 13.76 -0.17
C ALA A 461 -18.17 12.99 0.55
N VAL A 462 -19.06 12.38 -0.21
CA VAL A 462 -20.16 11.62 0.36
C VAL A 462 -19.62 10.46 1.20
N LEU A 463 -18.63 9.75 0.65
CA LEU A 463 -18.02 8.62 1.32
C LEU A 463 -17.47 9.03 2.68
N LEU A 464 -16.67 10.08 2.70
CA LEU A 464 -16.07 10.57 3.95
C LEU A 464 -17.11 10.97 5.00
N VAL A 465 -18.22 11.54 4.56
CA VAL A 465 -19.27 11.96 5.48
C VAL A 465 -19.92 10.74 6.14
N VAL A 466 -20.16 9.70 5.34
CA VAL A 466 -20.76 8.48 5.85
C VAL A 466 -19.80 7.76 6.79
N TRP A 467 -18.51 7.87 6.50
CA TRP A 467 -17.48 7.24 7.31
C TRP A 467 -17.45 7.88 8.70
N ALA A 468 -17.34 9.20 8.72
CA ALA A 468 -17.27 9.95 9.98
C ALA A 468 -18.54 9.90 10.82
N ARG A 469 -19.68 9.64 10.18
CA ARG A 469 -20.94 9.60 10.91
C ARG A 469 -21.41 8.23 11.41
N GLU A 470 -21.22 7.18 10.62
CA GLU A 470 -21.67 5.86 11.05
C GLU A 470 -20.58 4.81 11.31
N TYR A 471 -19.31 5.23 11.42
CA TYR A 471 -18.22 4.28 11.66
C TYR A 471 -17.10 4.80 12.55
N ILE A 472 -16.66 6.02 12.31
CA ILE A 472 -15.58 6.62 13.09
C ILE A 472 -15.95 6.80 14.58
N PRO A 473 -17.25 6.94 14.89
CA PRO A 473 -17.58 7.11 16.30
C PRO A 473 -17.31 5.85 17.13
N LYS A 474 -17.54 4.69 16.53
CA LYS A 474 -17.32 3.44 17.23
C LYS A 474 -15.82 3.21 17.48
N ILE A 475 -14.99 3.68 16.56
CA ILE A 475 -13.54 3.53 16.69
C ILE A 475 -13.01 4.48 17.76
N MET A 476 -13.74 5.56 18.00
CA MET A 476 -13.36 6.56 19.00
C MET A 476 -13.95 6.26 20.37
N GLU A 477 -14.96 5.40 20.43
CA GLU A 477 -15.62 5.07 21.68
C GLU A 477 -15.52 3.62 22.13
N GLU A 478 -15.30 2.70 21.19
CA GLU A 478 -15.24 1.28 21.53
C GLU A 478 -13.87 0.59 21.52
N THR A 479 -12.78 1.36 21.51
CA THR A 479 -11.45 0.75 21.48
C THR A 479 -10.75 0.77 22.84
N HIS A 480 -9.79 -0.11 23.02
CA HIS A 480 -9.01 -0.19 24.26
C HIS A 480 -8.29 1.15 24.44
N TRP A 481 -8.04 1.55 25.69
CA TRP A 481 -7.39 2.83 25.94
C TRP A 481 -6.02 2.98 25.29
N THR A 482 -5.31 1.88 25.08
CA THR A 482 -3.98 1.93 24.47
C THR A 482 -3.95 2.52 23.06
N VAL A 483 -5.10 2.64 22.41
CA VAL A 483 -5.11 3.22 21.07
C VAL A 483 -4.61 4.66 21.16
N TRP A 484 -4.80 5.30 22.30
CA TRP A 484 -4.36 6.68 22.47
C TRP A 484 -2.84 6.82 22.48
N ILE A 485 -2.12 5.74 22.76
CA ILE A 485 -0.67 5.79 22.74
C ILE A 485 -0.23 5.99 21.29
N THR A 486 -0.84 5.22 20.39
CA THR A 486 -0.51 5.31 18.97
C THR A 486 -0.98 6.66 18.40
N ARG A 487 -2.19 7.06 18.74
CA ARG A 487 -2.72 8.34 18.24
C ARG A 487 -1.81 9.48 18.68
N PHE A 488 -1.41 9.46 19.95
CA PHE A 488 -0.51 10.48 20.49
C PHE A 488 0.80 10.49 19.70
N TYR A 489 1.39 9.32 19.53
CA TYR A 489 2.65 9.26 18.81
C TYR A 489 2.56 9.75 17.36
N ILE A 490 1.54 9.32 16.62
CA ILE A 490 1.48 9.76 15.23
C ILE A 490 1.10 11.23 15.07
N ILE A 491 0.40 11.79 16.04
CA ILE A 491 0.07 13.20 16.00
C ILE A 491 1.40 13.93 16.21
N GLY A 492 2.25 13.37 17.07
CA GLY A 492 3.56 13.94 17.31
C GLY A 492 4.38 13.94 16.03
N LEU A 493 4.29 12.86 15.26
CA LEU A 493 5.02 12.78 14.01
C LEU A 493 4.55 13.89 13.07
N PHE A 494 3.24 14.18 13.07
CA PHE A 494 2.73 15.24 12.21
C PHE A 494 3.31 16.59 12.65
N LEU A 495 3.37 16.78 13.96
N LEU A 495 3.36 16.80 13.96
CA LEU A 495 3.90 18.00 14.57
CA LEU A 495 3.90 18.02 14.55
C LEU A 495 5.34 18.18 14.12
C LEU A 495 5.37 18.20 14.13
N PHE A 496 6.14 17.12 14.23
CA PHE A 496 7.56 17.16 13.85
C PHE A 496 7.75 17.44 12.37
N LEU A 497 6.94 16.82 11.53
CA LEU A 497 7.05 17.04 10.10
C LEU A 497 6.67 18.48 9.75
N THR A 498 5.70 19.03 10.46
CA THR A 498 5.28 20.41 10.22
C THR A 498 6.46 21.32 10.60
N PHE A 499 7.17 20.97 11.66
CA PHE A 499 8.32 21.75 12.08
C PHE A 499 9.39 21.73 10.98
N LEU A 500 9.58 20.58 10.35
CA LEU A 500 10.57 20.47 9.27
C LEU A 500 10.18 21.32 8.07
N VAL A 501 8.89 21.40 7.78
CA VAL A 501 8.41 22.20 6.65
C VAL A 501 8.66 23.68 6.99
N PHE A 502 8.49 24.02 8.27
CA PHE A 502 8.72 25.38 8.74
C PHE A 502 10.21 25.72 8.56
N LEU A 503 11.07 24.76 8.88
CA LEU A 503 12.51 24.96 8.75
C LEU A 503 12.89 25.09 7.28
N ALA A 504 12.22 24.33 6.41
CA ALA A 504 12.49 24.39 4.98
C ALA A 504 12.15 25.79 4.47
N GLU A 505 11.07 26.36 5.02
CA GLU A 505 10.63 27.71 4.66
C GLU A 505 11.72 28.71 4.99
N ARG A 506 12.23 28.61 6.21
CA ARG A 506 13.26 29.52 6.68
C ARG A 506 14.58 29.40 5.93
N ARG A 507 14.97 28.18 5.55
CA ARG A 507 16.21 28.00 4.80
C ARG A 507 16.05 28.65 3.43
N ARG A 508 14.84 28.54 2.88
CA ARG A 508 14.56 29.12 1.57
C ARG A 508 14.64 30.64 1.64
N ASN A 509 14.16 31.21 2.74
CA ASN A 509 14.21 32.64 2.95
C ASN A 509 15.67 33.01 3.17
N HIS A 510 16.35 32.19 3.98
CA HIS A 510 17.76 32.39 4.27
C HIS A 510 18.52 32.41 2.95
N GLU A 511 18.24 31.40 2.13
CA GLU A 511 18.87 31.25 0.83
C GLU A 511 18.51 32.34 -0.17
N SER A 512 17.26 32.85 -0.11
CA SER A 512 16.85 33.91 -1.04
C SER A 512 17.53 35.23 -0.70
N ALA A 513 17.60 35.54 0.58
CA ALA A 513 18.26 36.77 1.03
C ALA A 513 19.76 36.64 0.73
N GLY A 514 20.14 35.56 0.06
CA GLY A 514 21.54 35.31 -0.28
C GLY A 514 21.63 35.31 -1.79
N THR A 515 20.44 35.20 -2.37
CA THR A 515 20.31 35.22 -3.81
C THR A 515 20.13 36.70 -4.14
N LEU A 516 20.30 37.56 -3.14
CA LEU A 516 20.10 38.99 -3.38
C LEU A 516 21.35 39.87 -3.34
#